data_3ROS
#
_entry.id   3ROS
#
_cell.length_a   133.000
_cell.length_b   45.730
_cell.length_c   96.378
_cell.angle_alpha   90.00
_cell.angle_beta   121.48
_cell.angle_gamma   90.00
#
_symmetry.space_group_name_H-M   'C 1 2 1'
#
loop_
_entity.id
_entity.type
_entity.pdbx_description
1 polymer 'NAD-dependent aldehyde dehydrogenase'
2 non-polymer 'SULFATE ION'
3 water water
#
_entity_poly.entity_id   1
_entity_poly.type   'polypeptide(L)'
_entity_poly.pdbx_seq_one_letter_code
;(MSE)V(MSE)SKYQSVNPYTNEAFASYDNPTSKQIDEAINLAHALYKKWRHEEPASRAEILHDIANALKEHEDELAK
(MSE)(MSE)TLE(MSE)GKLLSESKEEVELCVSICNYYADHGPE(MSE)LKPTKLNSDLGNAYYLKQSTGVI(MSE)AC
EPWNFPLYQVIRVFAPNFIVGNPILLKHAHNVPGSAALTAKIIKRAGAPEGSLINLYPSYDQLADIIADPRIQGVALTGS
ERGGSAVAEAAGKNLKKST(MSE)ELGGNDAFIVLDDADPQVLRNVLNDARTYNDGQVCTSSKRIIVEKSRYDEVLHELK
NVFSNLKAGDPLEADTTLPP(MSE)NSEKAKEKLEAQVKEAIDAGAKVFYQYPEIDSKGAFFRPTILTDIAKDNPVFDKE
VFGPIAEVFVVEDDNAAIQLANDSSYGLGSSVIGSDIDRAKKVSAQIETG(MSE)TVINGRWITSGELPFGGIKKSGYGR
ELSGLGL(MSE)AFVNEHLVIDVTKNNQAENLYFQSHHHHHHWSHPQFEK
;
_entity_poly.pdbx_strand_id   A
#
# COMPACT_ATOMS: atom_id res chain seq x y z
N SER A 4 -10.11 -12.93 -20.02
CA SER A 4 -9.45 -11.88 -19.27
C SER A 4 -10.34 -11.42 -18.11
N LYS A 5 -9.75 -11.22 -16.94
CA LYS A 5 -10.50 -10.77 -15.78
C LYS A 5 -10.40 -9.25 -15.63
N TYR A 6 -9.67 -8.61 -16.54
CA TYR A 6 -9.50 -7.16 -16.50
C TYR A 6 -10.75 -6.43 -16.99
N GLN A 7 -11.42 -5.75 -16.06
CA GLN A 7 -12.65 -5.03 -16.40
C GLN A 7 -12.94 -3.88 -15.43
N SER A 8 -13.50 -2.81 -15.97
CA SER A 8 -13.87 -1.63 -15.18
C SER A 8 -15.34 -1.76 -14.82
N VAL A 9 -15.64 -1.88 -13.53
CA VAL A 9 -17.03 -2.00 -13.09
C VAL A 9 -17.24 -0.98 -11.98
N ASN A 10 -18.18 -0.07 -12.21
CA ASN A 10 -18.49 0.98 -11.23
C ASN A 10 -19.21 0.35 -10.04
N PRO A 11 -18.59 0.40 -8.84
CA PRO A 11 -19.21 -0.18 -7.64
C PRO A 11 -20.43 0.57 -7.13
N TYR A 12 -20.60 1.82 -7.57
CA TYR A 12 -21.74 2.61 -7.13
C TYR A 12 -23.00 2.23 -7.90
N THR A 13 -22.83 1.92 -9.19
CA THR A 13 -23.95 1.55 -10.04
C THR A 13 -23.90 0.06 -10.37
N ASN A 14 -22.81 -0.57 -9.97
CA ASN A 14 -22.58 -1.99 -10.21
C ASN A 14 -22.74 -2.31 -11.70
N GLU A 15 -22.22 -1.42 -12.54
CA GLU A 15 -22.29 -1.59 -13.98
C GLU A 15 -20.90 -1.51 -14.61
N ALA A 16 -20.60 -2.47 -15.48
CA ALA A 16 -19.31 -2.52 -16.17
C ALA A 16 -19.29 -1.46 -17.26
N PHE A 17 -18.14 -0.85 -17.49
CA PHE A 17 -18.06 0.16 -18.55
C PHE A 17 -16.87 0.03 -19.49
N ALA A 18 -16.07 -1.01 -19.28
CA ALA A 18 -14.90 -1.27 -20.14
C ALA A 18 -14.27 -2.61 -19.78
N SER A 19 -13.80 -3.33 -20.79
CA SER A 19 -13.13 -4.62 -20.60
C SER A 19 -11.83 -4.61 -21.38
N TYR A 20 -10.81 -5.28 -20.85
CA TYR A 20 -9.51 -5.31 -21.50
C TYR A 20 -8.98 -6.73 -21.65
N ASP A 21 -8.39 -7.02 -22.80
CA ASP A 21 -7.85 -8.35 -23.10
C ASP A 21 -6.43 -8.57 -22.58
N ASN A 22 -6.05 -9.83 -22.44
CA ASN A 22 -4.69 -10.16 -22.03
C ASN A 22 -3.88 -9.91 -23.29
N PRO A 23 -2.60 -9.52 -23.15
CA PRO A 23 -1.79 -9.28 -24.34
C PRO A 23 -1.38 -10.59 -25.01
N THR A 24 -0.85 -10.47 -26.23
CA THR A 24 -0.39 -11.64 -26.95
C THR A 24 1.06 -11.86 -26.53
N SER A 25 1.61 -13.04 -26.83
CA SER A 25 2.98 -13.35 -26.48
C SER A 25 3.90 -12.34 -27.14
N LYS A 26 3.54 -11.94 -28.36
CA LYS A 26 4.33 -10.99 -29.12
C LYS A 26 4.37 -9.63 -28.44
N GLN A 27 3.21 -9.17 -27.97
CA GLN A 27 3.14 -7.88 -27.29
C GLN A 27 3.97 -7.89 -26.01
N ILE A 28 3.92 -9.00 -25.29
CA ILE A 28 4.70 -9.12 -24.05
C ILE A 28 6.20 -9.04 -24.37
N ASP A 29 6.64 -9.81 -25.37
CA ASP A 29 8.05 -9.81 -25.74
C ASP A 29 8.51 -8.42 -26.17
N GLU A 30 7.67 -7.72 -26.91
CA GLU A 30 8.01 -6.38 -27.38
C GLU A 30 8.20 -5.44 -26.19
N ALA A 31 7.33 -5.60 -25.18
CA ALA A 31 7.41 -4.76 -23.99
C ALA A 31 8.70 -5.05 -23.23
N ILE A 32 9.01 -6.32 -23.02
CA ILE A 32 10.22 -6.67 -22.30
C ILE A 32 11.44 -6.17 -23.07
N ASN A 33 11.39 -6.29 -24.40
CA ASN A 33 12.50 -5.84 -25.23
C ASN A 33 12.72 -4.33 -25.10
N LEU A 34 11.63 -3.57 -25.15
CA LEU A 34 11.72 -2.11 -25.00
C LEU A 34 12.30 -1.72 -23.65
N ALA A 35 11.78 -2.34 -22.59
CA ALA A 35 12.23 -2.05 -21.24
C ALA A 35 13.70 -2.41 -21.04
N HIS A 36 14.09 -3.58 -21.51
CA HIS A 36 15.48 -4.00 -21.35
C HIS A 36 16.42 -3.07 -22.12
N ALA A 37 16.01 -2.66 -23.32
CA ALA A 37 16.82 -1.76 -24.12
C ALA A 37 17.00 -0.44 -23.36
N LEU A 38 15.92 0.03 -22.73
CA LEU A 38 15.97 1.27 -21.97
C LEU A 38 16.91 1.13 -20.79
N TYR A 39 16.87 -0.03 -20.13
CA TYR A 39 17.74 -0.29 -18.99
C TYR A 39 19.21 -0.12 -19.40
N LYS A 40 19.56 -0.67 -20.55
CA LYS A 40 20.94 -0.59 -21.05
C LYS A 40 21.34 0.87 -21.35
N LYS A 41 20.43 1.60 -21.98
CA LYS A 41 20.69 3.00 -22.33
C LYS A 41 20.87 3.85 -21.06
N TRP A 42 20.02 3.61 -20.07
CA TRP A 42 20.09 4.37 -18.82
C TRP A 42 21.37 4.15 -18.03
N ARG A 43 22.02 3.01 -18.26
CA ARG A 43 23.26 2.73 -17.54
C ARG A 43 24.31 3.80 -17.83
N HIS A 44 24.19 4.46 -18.98
CA HIS A 44 25.13 5.50 -19.37
C HIS A 44 24.62 6.91 -19.16
N GLU A 45 23.53 7.05 -18.41
CA GLU A 45 22.93 8.35 -18.15
C GLU A 45 22.68 8.53 -16.65
N GLU A 46 23.29 9.55 -16.08
CA GLU A 46 23.15 9.82 -14.64
C GLU A 46 21.73 9.97 -14.14
N PRO A 47 21.48 9.58 -12.89
CA PRO A 47 20.15 9.67 -12.27
C PRO A 47 19.62 11.10 -12.32
N ALA A 48 20.52 12.07 -12.21
CA ALA A 48 20.10 13.47 -12.25
C ALA A 48 19.42 13.79 -13.58
N SER A 49 19.82 13.08 -14.64
CA SER A 49 19.24 13.30 -15.96
C SER A 49 17.77 12.89 -16.03
N ARG A 50 17.32 12.12 -15.05
CA ARG A 50 15.93 11.68 -15.03
C ARG A 50 15.13 12.44 -13.98
N ALA A 51 15.84 13.17 -13.13
CA ALA A 51 15.21 13.96 -12.07
C ALA A 51 14.29 15.04 -12.65
N GLU A 52 14.75 15.72 -13.69
CA GLU A 52 13.95 16.77 -14.33
C GLU A 52 12.66 16.17 -14.87
N ILE A 53 12.78 15.03 -15.53
CA ILE A 53 11.63 14.36 -16.09
C ILE A 53 10.66 13.93 -14.99
N LEU A 54 11.19 13.48 -13.86
CA LEU A 54 10.33 13.06 -12.77
C LEU A 54 9.57 14.27 -12.21
N HIS A 55 10.23 15.43 -12.18
CA HIS A 55 9.55 16.63 -11.70
C HIS A 55 8.42 16.98 -12.67
N ASP A 56 8.67 16.81 -13.97
CA ASP A 56 7.66 17.10 -15.00
C ASP A 56 6.49 16.13 -14.86
N ILE A 57 6.81 14.90 -14.44
CA ILE A 57 5.78 13.89 -14.24
C ILE A 57 4.93 14.33 -13.05
N ALA A 58 5.60 14.85 -12.02
CA ALA A 58 4.89 15.32 -10.84
C ALA A 58 3.90 16.39 -11.26
N ASN A 59 4.35 17.31 -12.12
CA ASN A 59 3.48 18.40 -12.58
C ASN A 59 2.34 17.87 -13.43
N ALA A 60 2.61 16.87 -14.27
CA ALA A 60 1.57 16.29 -15.11
C ALA A 60 0.50 15.62 -14.26
N LEU A 61 0.91 14.97 -13.18
CA LEU A 61 -0.06 14.31 -12.31
C LEU A 61 -0.98 15.38 -11.71
N LYS A 62 -0.38 16.48 -11.26
CA LYS A 62 -1.17 17.58 -10.69
C LYS A 62 -2.12 18.11 -11.76
N GLU A 63 -1.59 18.31 -12.96
CA GLU A 63 -2.39 18.81 -14.07
C GLU A 63 -3.59 17.93 -14.40
N HIS A 64 -3.43 16.62 -14.25
CA HIS A 64 -4.52 15.69 -14.54
C HIS A 64 -5.22 15.18 -13.28
N GLU A 65 -5.04 15.89 -12.16
CA GLU A 65 -5.64 15.45 -10.90
C GLU A 65 -7.11 15.08 -10.91
N ASP A 66 -7.97 15.97 -11.43
CA ASP A 66 -9.38 15.66 -11.44
C ASP A 66 -9.73 14.48 -12.35
N GLU A 67 -9.03 14.34 -13.48
CA GLU A 67 -9.31 13.24 -14.38
C GLU A 67 -8.89 11.91 -13.75
N LEU A 68 -7.71 11.90 -13.13
CA LEU A 68 -7.19 10.71 -12.46
C LEU A 68 -8.07 10.31 -11.28
N ALA A 69 -8.47 11.30 -10.48
CA ALA A 69 -9.30 11.04 -9.31
C ALA A 69 -10.64 10.45 -9.73
N LYS A 70 -11.25 11.04 -10.75
CA LYS A 70 -12.53 10.54 -11.23
C LYS A 70 -12.44 9.09 -11.71
N THR A 73 -12.24 6.78 -8.65
CA THR A 73 -13.54 6.70 -8.00
C THR A 73 -14.53 5.88 -8.80
N LEU A 74 -14.50 6.02 -10.13
CA LEU A 74 -15.41 5.27 -10.99
C LEU A 74 -15.09 3.78 -10.99
N GLU A 75 -13.81 3.42 -10.91
CA GLU A 75 -13.42 2.02 -10.94
C GLU A 75 -13.48 1.27 -9.62
N GLY A 77 -14.69 2.91 -6.38
CA GLY A 77 -15.52 3.59 -5.39
C GLY A 77 -15.00 4.58 -4.36
N LYS A 78 -13.70 4.82 -4.31
CA LYS A 78 -13.13 5.75 -3.34
C LYS A 78 -13.77 7.14 -3.39
N LEU A 79 -13.94 7.78 -2.24
CA LEU A 79 -14.50 9.12 -2.21
C LEU A 79 -13.59 9.99 -3.06
N LEU A 80 -14.18 10.82 -3.92
CA LEU A 80 -13.41 11.68 -4.80
C LEU A 80 -12.39 12.52 -4.00
N SER A 81 -12.79 12.98 -2.82
CA SER A 81 -11.88 13.78 -2.01
C SER A 81 -10.64 12.98 -1.65
N GLU A 82 -10.81 11.69 -1.36
CA GLU A 82 -9.69 10.82 -1.02
C GLU A 82 -8.86 10.53 -2.27
N SER A 83 -9.51 10.40 -3.42
CA SER A 83 -8.78 10.15 -4.67
C SER A 83 -7.88 11.34 -4.96
N LYS A 84 -8.38 12.55 -4.74
CA LYS A 84 -7.58 13.74 -4.99
C LYS A 84 -6.41 13.82 -4.01
N GLU A 85 -6.65 13.45 -2.76
CA GLU A 85 -5.60 13.46 -1.74
C GLU A 85 -4.50 12.49 -2.18
N GLU A 86 -4.92 11.37 -2.77
CA GLU A 86 -3.95 10.38 -3.24
C GLU A 86 -3.08 10.97 -4.34
N VAL A 87 -3.69 11.74 -5.24
CA VAL A 87 -2.92 12.34 -6.32
C VAL A 87 -1.90 13.32 -5.74
N GLU A 88 -2.33 14.12 -4.77
CA GLU A 88 -1.46 15.10 -4.13
C GLU A 88 -0.27 14.39 -3.48
N LEU A 89 -0.54 13.26 -2.84
CA LEU A 89 0.49 12.47 -2.18
C LEU A 89 1.50 12.00 -3.21
N CYS A 90 1.00 11.57 -4.38
CA CYS A 90 1.86 11.10 -5.46
C CYS A 90 2.70 12.21 -6.07
N VAL A 91 2.14 13.40 -6.16
CA VAL A 91 2.88 14.53 -6.71
C VAL A 91 4.06 14.77 -5.78
N SER A 92 3.77 14.71 -4.48
CA SER A 92 4.78 14.91 -3.44
C SER A 92 5.89 13.85 -3.49
N ILE A 93 5.50 12.59 -3.67
CA ILE A 93 6.47 11.50 -3.74
C ILE A 93 7.37 11.66 -4.96
N CYS A 94 6.78 12.00 -6.10
CA CYS A 94 7.58 12.20 -7.31
C CYS A 94 8.59 13.34 -7.11
N ASN A 95 8.13 14.45 -6.55
CA ASN A 95 9.01 15.59 -6.31
C ASN A 95 10.09 15.21 -5.30
N TYR A 96 9.73 14.37 -4.34
CA TYR A 96 10.69 13.94 -3.33
C TYR A 96 11.88 13.22 -3.96
N TYR A 97 11.59 12.22 -4.80
CA TYR A 97 12.67 11.47 -5.42
C TYR A 97 13.40 12.28 -6.50
N ALA A 98 12.70 13.22 -7.12
CA ALA A 98 13.33 14.07 -8.12
C ALA A 98 14.35 14.97 -7.41
N ASP A 99 14.01 15.39 -6.20
CA ASP A 99 14.87 16.27 -5.42
C ASP A 99 15.91 15.60 -4.54
N HIS A 100 15.66 14.36 -4.14
CA HIS A 100 16.58 13.66 -3.25
C HIS A 100 17.16 12.34 -3.76
N GLY A 101 16.57 11.79 -4.81
CA GLY A 101 17.04 10.51 -5.35
C GLY A 101 18.48 10.48 -5.83
N PRO A 102 18.83 11.30 -6.82
CA PRO A 102 20.21 11.32 -7.34
C PRO A 102 21.25 11.49 -6.24
N GLU A 103 20.94 12.32 -5.26
CA GLU A 103 21.83 12.59 -4.16
C GLU A 103 22.08 11.33 -3.32
N LEU A 105 22.14 8.38 -4.40
CA LEU A 105 22.74 7.35 -5.24
C LEU A 105 24.23 7.58 -5.49
N LYS A 106 24.81 8.54 -4.76
CA LYS A 106 26.23 8.82 -4.90
C LYS A 106 27.00 7.62 -4.32
N PRO A 107 28.17 7.31 -4.88
CA PRO A 107 28.92 6.18 -4.34
C PRO A 107 29.27 6.36 -2.86
N THR A 108 29.29 5.24 -2.13
CA THR A 108 29.59 5.25 -0.71
C THR A 108 30.99 4.70 -0.43
N LYS A 109 31.82 5.49 0.24
CA LYS A 109 33.17 5.05 0.56
C LYS A 109 33.12 4.08 1.73
N LEU A 110 33.94 3.04 1.67
CA LEU A 110 33.99 2.04 2.73
C LEU A 110 35.34 2.13 3.43
N ASN A 111 35.32 2.03 4.75
CA ASN A 111 36.55 2.09 5.53
C ASN A 111 37.15 0.69 5.65
N SER A 112 38.28 0.48 4.99
CA SER A 112 38.95 -0.81 5.01
C SER A 112 40.45 -0.65 4.83
N ASP A 113 41.21 -1.41 5.61
CA ASP A 113 42.66 -1.34 5.50
C ASP A 113 43.13 -2.30 4.42
N LEU A 114 42.18 -2.98 3.79
CA LEU A 114 42.50 -3.94 2.74
C LEU A 114 42.72 -3.25 1.40
N GLY A 115 42.34 -1.98 1.32
CA GLY A 115 42.51 -1.23 0.09
C GLY A 115 41.54 -0.07 -0.01
N ASN A 116 41.61 0.65 -1.12
CA ASN A 116 40.73 1.79 -1.34
C ASN A 116 39.39 1.23 -1.82
N ALA A 117 38.41 1.17 -0.92
CA ALA A 117 37.10 0.61 -1.24
C ALA A 117 35.92 1.58 -1.23
N TYR A 118 34.90 1.22 -2.01
CA TYR A 118 33.68 2.01 -2.12
C TYR A 118 32.67 1.19 -2.93
N TYR A 119 31.38 1.49 -2.77
CA TYR A 119 30.40 0.76 -3.56
C TYR A 119 29.50 1.72 -4.31
N LEU A 120 29.20 1.36 -5.55
CA LEU A 120 28.36 2.16 -6.42
C LEU A 120 26.94 1.63 -6.28
N LYS A 121 25.95 2.50 -6.44
CA LYS A 121 24.55 2.11 -6.34
C LYS A 121 24.01 2.12 -7.76
N GLN A 122 24.05 0.95 -8.39
CA GLN A 122 23.63 0.82 -9.78
C GLN A 122 22.28 0.16 -9.97
N SER A 123 21.74 0.31 -11.18
CA SER A 123 20.46 -0.27 -11.54
C SER A 123 20.66 -1.78 -11.69
N THR A 124 19.56 -2.53 -11.76
CA THR A 124 19.67 -3.97 -11.91
C THR A 124 18.94 -4.50 -13.14
N GLY A 125 17.89 -3.82 -13.55
CA GLY A 125 17.15 -4.26 -14.72
C GLY A 125 15.67 -3.95 -14.66
N VAL A 126 14.89 -4.67 -15.47
CA VAL A 126 13.46 -4.47 -15.52
C VAL A 126 12.79 -5.08 -14.30
N ILE A 127 11.88 -4.31 -13.70
CA ILE A 127 11.15 -4.76 -12.52
C ILE A 127 9.71 -5.07 -12.87
N ALA A 129 6.26 -5.12 -11.57
CA ALA A 129 5.48 -4.56 -10.47
C ALA A 129 4.02 -5.03 -10.53
N CYS A 130 3.55 -5.61 -9.43
CA CYS A 130 2.17 -6.10 -9.31
C CYS A 130 1.49 -5.28 -8.22
N GLU A 131 0.47 -4.52 -8.59
CA GLU A 131 -0.19 -3.64 -7.62
C GLU A 131 -1.68 -3.90 -7.42
N PRO A 132 -2.22 -3.47 -6.27
CA PRO A 132 -3.63 -3.62 -5.89
C PRO A 132 -4.53 -2.43 -6.19
N TRP A 133 -5.83 -2.67 -6.13
CA TRP A 133 -6.84 -1.65 -6.42
C TRP A 133 -7.10 -0.58 -5.36
N ASN A 134 -6.68 -0.80 -4.11
CA ASN A 134 -7.02 0.17 -3.07
C ASN A 134 -6.41 1.57 -3.14
N PHE A 135 -5.20 1.69 -3.68
CA PHE A 135 -4.54 2.98 -3.87
C PHE A 135 -3.88 2.82 -5.23
N PRO A 136 -4.70 2.76 -6.29
CA PRO A 136 -4.28 2.59 -7.68
C PRO A 136 -3.15 3.47 -8.19
N LEU A 137 -3.09 4.72 -7.75
CA LEU A 137 -2.01 5.59 -8.22
C LEU A 137 -0.79 5.50 -7.29
N TYR A 138 -1.04 5.66 -5.99
CA TYR A 138 0.02 5.62 -4.99
C TYR A 138 0.83 4.32 -5.02
N GLN A 139 0.16 3.18 -5.17
CA GLN A 139 0.88 1.90 -5.20
C GLN A 139 1.86 1.86 -6.37
N VAL A 140 1.44 2.42 -7.50
CA VAL A 140 2.30 2.46 -8.69
C VAL A 140 3.44 3.46 -8.48
N ILE A 141 3.09 4.68 -8.09
CA ILE A 141 4.10 5.72 -7.90
C ILE A 141 5.12 5.35 -6.83
N ARG A 142 4.68 4.65 -5.78
CA ARG A 142 5.56 4.24 -4.70
C ARG A 142 6.76 3.45 -5.23
N VAL A 143 6.52 2.64 -6.26
CA VAL A 143 7.58 1.83 -6.88
C VAL A 143 8.22 2.54 -8.07
N PHE A 144 7.42 3.20 -8.88
CA PHE A 144 7.94 3.90 -10.05
C PHE A 144 8.94 5.01 -9.77
N ALA A 145 8.54 5.97 -8.93
CA ALA A 145 9.38 7.12 -8.64
C ALA A 145 10.85 6.80 -8.34
N PRO A 146 11.12 6.04 -7.26
CA PRO A 146 12.51 5.70 -6.94
C PRO A 146 13.24 4.91 -8.02
N ASN A 147 12.57 3.92 -8.59
CA ASN A 147 13.20 3.10 -9.61
C ASN A 147 13.48 3.82 -10.92
N PHE A 148 12.66 4.83 -11.22
CA PHE A 148 12.88 5.62 -12.43
C PHE A 148 14.22 6.32 -12.26
N ILE A 149 14.43 6.88 -11.07
CA ILE A 149 15.67 7.59 -10.78
C ILE A 149 16.86 6.64 -10.83
N VAL A 150 16.70 5.48 -10.20
CA VAL A 150 17.75 4.46 -10.17
C VAL A 150 18.11 4.01 -11.58
N GLY A 151 17.08 3.89 -12.42
CA GLY A 151 17.30 3.44 -13.78
C GLY A 151 16.76 2.05 -14.04
N ASN A 152 15.76 1.63 -13.25
CA ASN A 152 15.13 0.32 -13.41
C ASN A 152 13.77 0.48 -14.10
N PRO A 153 13.66 0.06 -15.37
CA PRO A 153 12.37 0.18 -16.07
C PRO A 153 11.35 -0.67 -15.34
N ILE A 154 10.07 -0.32 -15.47
CA ILE A 154 9.02 -1.05 -14.80
C ILE A 154 7.92 -1.57 -15.72
N LEU A 155 7.59 -2.86 -15.55
CA LEU A 155 6.51 -3.48 -16.30
C LEU A 155 5.44 -3.56 -15.21
N LEU A 156 4.26 -3.02 -15.48
CA LEU A 156 3.19 -3.01 -14.48
C LEU A 156 2.01 -3.93 -14.77
N LYS A 157 1.63 -4.71 -13.75
CA LYS A 157 0.46 -5.55 -13.82
C LYS A 157 -0.37 -5.02 -12.67
N HIS A 158 -1.40 -4.25 -12.99
CA HIS A 158 -2.25 -3.69 -11.95
C HIS A 158 -3.44 -4.60 -11.69
N ALA A 159 -4.17 -4.34 -10.61
CA ALA A 159 -5.32 -5.18 -10.26
C ALA A 159 -6.32 -5.27 -11.42
N HIS A 160 -6.97 -6.42 -11.53
CA HIS A 160 -7.92 -6.64 -12.60
C HIS A 160 -9.06 -5.61 -12.66
N ASN A 161 -9.34 -4.97 -11.52
CA ASN A 161 -10.43 -4.01 -11.48
C ASN A 161 -10.10 -2.51 -11.61
N VAL A 162 -8.85 -2.19 -11.93
CA VAL A 162 -8.48 -0.79 -12.15
C VAL A 162 -7.66 -0.65 -13.44
N PRO A 163 -8.06 -1.38 -14.50
CA PRO A 163 -7.33 -1.31 -15.78
C PRO A 163 -7.34 0.06 -16.45
N GLY A 164 -8.41 0.81 -16.23
CA GLY A 164 -8.53 2.14 -16.81
C GLY A 164 -7.60 3.11 -16.12
N SER A 165 -7.57 3.05 -14.79
CA SER A 165 -6.68 3.92 -14.02
C SER A 165 -5.23 3.58 -14.33
N ALA A 166 -4.95 2.29 -14.49
CA ALA A 166 -3.59 1.84 -14.78
C ALA A 166 -3.12 2.39 -16.14
N ALA A 167 -3.96 2.26 -17.15
CA ALA A 167 -3.64 2.72 -18.50
C ALA A 167 -3.45 4.24 -18.51
N LEU A 168 -4.34 4.95 -17.84
CA LEU A 168 -4.28 6.41 -17.78
C LEU A 168 -2.99 6.86 -17.10
N THR A 169 -2.64 6.21 -16.01
CA THR A 169 -1.43 6.55 -15.28
C THR A 169 -0.20 6.39 -16.17
N ALA A 170 -0.11 5.25 -16.84
CA ALA A 170 1.02 4.98 -17.73
C ALA A 170 1.10 5.99 -18.87
N LYS A 171 -0.05 6.37 -19.41
CA LYS A 171 -0.10 7.33 -20.52
C LYS A 171 0.40 8.70 -20.10
N ILE A 172 -0.11 9.18 -18.96
CA ILE A 172 0.29 10.49 -18.45
C ILE A 172 1.79 10.55 -18.21
N ILE A 173 2.34 9.48 -17.63
CA ILE A 173 3.76 9.41 -17.35
C ILE A 173 4.60 9.40 -18.62
N LYS A 174 4.16 8.67 -19.64
CA LYS A 174 4.90 8.64 -20.89
C LYS A 174 4.89 10.02 -21.54
N ARG A 175 3.70 10.58 -21.72
CA ARG A 175 3.57 11.88 -22.35
C ARG A 175 4.29 12.98 -21.58
N ALA A 176 4.42 12.81 -20.27
CA ALA A 176 5.12 13.80 -19.46
C ALA A 176 6.61 13.86 -19.81
N GLY A 177 7.12 12.75 -20.34
CA GLY A 177 8.53 12.72 -20.72
C GLY A 177 9.26 11.41 -20.48
N ALA A 178 8.65 10.50 -19.73
CA ALA A 178 9.29 9.21 -19.45
C ALA A 178 9.40 8.41 -20.74
N PRO A 179 10.64 8.07 -21.15
CA PRO A 179 10.88 7.30 -22.37
C PRO A 179 10.05 6.02 -22.41
N GLU A 180 9.63 5.63 -23.61
CA GLU A 180 8.87 4.40 -23.76
C GLU A 180 9.69 3.28 -23.11
N GLY A 181 9.04 2.51 -22.24
CA GLY A 181 9.72 1.43 -21.55
C GLY A 181 9.92 1.72 -20.07
N SER A 182 9.81 2.99 -19.69
CA SER A 182 9.98 3.39 -18.30
C SER A 182 8.91 2.77 -17.41
N LEU A 183 7.69 2.75 -17.92
CA LEU A 183 6.54 2.19 -17.21
C LEU A 183 5.55 1.70 -18.25
N ILE A 184 5.54 0.39 -18.49
CA ILE A 184 4.63 -0.20 -19.47
C ILE A 184 3.53 -0.96 -18.76
N ASN A 185 2.28 -0.55 -18.99
CA ASN A 185 1.16 -1.24 -18.38
C ASN A 185 0.76 -2.44 -19.23
N LEU A 186 0.57 -3.58 -18.57
CA LEU A 186 0.18 -4.82 -19.25
C LEU A 186 -0.95 -5.49 -18.49
N TYR A 187 -1.77 -6.26 -19.21
CA TYR A 187 -2.88 -6.99 -18.60
C TYR A 187 -2.64 -8.49 -18.72
N PRO A 188 -1.55 -8.99 -18.12
CA PRO A 188 -1.24 -10.41 -18.20
C PRO A 188 -2.07 -11.34 -17.33
N SER A 189 -2.25 -12.57 -17.80
CA SER A 189 -2.96 -13.60 -17.05
C SER A 189 -1.92 -14.06 -16.02
N TYR A 190 -2.34 -14.83 -15.03
CA TYR A 190 -1.39 -15.29 -14.02
C TYR A 190 -0.27 -16.09 -14.65
N ASP A 191 -0.59 -16.90 -15.67
CA ASP A 191 0.42 -17.71 -16.34
C ASP A 191 1.42 -16.85 -17.10
N GLN A 192 0.94 -15.80 -17.75
CA GLN A 192 1.81 -14.90 -18.48
C GLN A 192 2.72 -14.18 -17.50
N LEU A 193 2.15 -13.80 -16.35
CA LEU A 193 2.92 -13.13 -15.31
C LEU A 193 4.07 -14.03 -14.87
N ALA A 194 3.76 -15.29 -14.63
CA ALA A 194 4.78 -16.25 -14.22
C ALA A 194 5.89 -16.34 -15.26
N ASP A 195 5.52 -16.35 -16.54
CA ASP A 195 6.50 -16.43 -17.63
C ASP A 195 7.39 -15.19 -17.71
N ILE A 196 6.80 -14.04 -17.45
CA ILE A 196 7.53 -12.78 -17.47
C ILE A 196 8.58 -12.81 -16.36
N ILE A 197 8.18 -13.26 -15.18
CA ILE A 197 9.10 -13.34 -14.05
C ILE A 197 10.27 -14.29 -14.35
N ALA A 198 10.04 -15.27 -15.22
CA ALA A 198 11.07 -16.22 -15.57
C ALA A 198 12.02 -15.72 -16.67
N ASP A 199 11.71 -14.57 -17.26
CA ASP A 199 12.57 -14.03 -18.30
C ASP A 199 13.80 -13.41 -17.64
N PRO A 200 15.01 -13.74 -18.15
CA PRO A 200 16.26 -13.22 -17.60
C PRO A 200 16.42 -11.70 -17.63
N ARG A 201 15.61 -11.04 -18.46
CA ARG A 201 15.69 -9.58 -18.55
C ARG A 201 14.94 -8.91 -17.39
N ILE A 202 14.15 -9.71 -16.67
CA ILE A 202 13.42 -9.23 -15.50
C ILE A 202 14.32 -9.56 -14.31
N GLN A 203 14.69 -8.55 -13.52
CA GLN A 203 15.60 -8.77 -12.40
C GLN A 203 15.07 -8.40 -11.02
N GLY A 204 13.79 -8.07 -10.96
CA GLY A 204 13.20 -7.72 -9.68
C GLY A 204 11.70 -7.89 -9.76
N VAL A 205 11.08 -8.23 -8.64
CA VAL A 205 9.64 -8.40 -8.57
C VAL A 205 9.15 -7.66 -7.34
N ALA A 206 8.25 -6.70 -7.55
CA ALA A 206 7.70 -5.91 -6.46
C ALA A 206 6.20 -6.12 -6.42
N LEU A 207 5.67 -6.48 -5.26
CA LEU A 207 4.23 -6.67 -5.16
C LEU A 207 3.62 -6.11 -3.90
N THR A 208 2.42 -5.56 -4.08
CA THR A 208 1.63 -5.02 -2.99
C THR A 208 0.26 -5.64 -3.23
N GLY A 209 -0.32 -6.26 -2.20
CA GLY A 209 -1.61 -6.90 -2.38
C GLY A 209 -1.96 -7.90 -1.30
N SER A 210 -2.67 -8.95 -1.69
CA SER A 210 -3.10 -9.99 -0.77
C SER A 210 -2.07 -11.08 -0.51
N GLU A 211 -2.33 -11.86 0.55
CA GLU A 211 -1.46 -12.96 0.94
C GLU A 211 -1.50 -14.02 -0.16
N ARG A 212 -2.71 -14.27 -0.65
CA ARG A 212 -2.92 -15.25 -1.71
C ARG A 212 -2.09 -14.91 -2.95
N GLY A 213 -2.27 -13.70 -3.47
CA GLY A 213 -1.53 -13.27 -4.64
C GLY A 213 -0.05 -13.22 -4.35
N GLY A 214 0.29 -12.69 -3.18
CA GLY A 214 1.69 -12.58 -2.79
C GLY A 214 2.40 -13.92 -2.83
N SER A 215 1.83 -14.92 -2.17
CA SER A 215 2.43 -16.24 -2.14
C SER A 215 2.79 -16.76 -3.53
N ALA A 216 1.82 -16.73 -4.44
CA ALA A 216 2.03 -17.21 -5.81
C ALA A 216 3.14 -16.46 -6.54
N VAL A 217 3.12 -15.14 -6.45
CA VAL A 217 4.11 -14.32 -7.12
C VAL A 217 5.48 -14.47 -6.45
N ALA A 218 5.52 -14.48 -5.12
CA ALA A 218 6.78 -14.63 -4.40
C ALA A 218 7.39 -16.00 -4.67
N GLU A 219 6.54 -17.01 -4.80
CA GLU A 219 7.02 -18.37 -5.06
C GLU A 219 7.69 -18.42 -6.44
N ALA A 220 7.11 -17.72 -7.41
CA ALA A 220 7.65 -17.68 -8.76
C ALA A 220 8.96 -16.91 -8.78
N ALA A 221 9.01 -15.79 -8.06
CA ALA A 221 10.23 -15.00 -8.01
C ALA A 221 11.36 -15.86 -7.43
N GLY A 222 11.04 -16.59 -6.36
CA GLY A 222 12.02 -17.45 -5.72
C GLY A 222 12.52 -18.53 -6.65
N LYS A 223 11.60 -19.25 -7.26
CA LYS A 223 11.94 -20.31 -8.20
C LYS A 223 12.92 -19.79 -9.25
N ASN A 224 12.70 -18.57 -9.71
CA ASN A 224 13.53 -17.95 -10.72
C ASN A 224 14.69 -17.13 -10.14
N LEU A 225 14.83 -17.20 -8.82
CA LEU A 225 15.90 -16.50 -8.11
C LEU A 225 15.96 -15.00 -8.40
N LYS A 226 14.81 -14.35 -8.33
CA LYS A 226 14.73 -12.92 -8.57
C LYS A 226 14.45 -12.23 -7.23
N LYS A 227 15.13 -11.12 -6.97
CA LYS A 227 14.93 -10.38 -5.73
C LYS A 227 13.50 -9.86 -5.70
N SER A 228 12.89 -9.84 -4.53
CA SER A 228 11.52 -9.35 -4.43
C SER A 228 11.22 -8.59 -3.15
N THR A 229 10.15 -7.79 -3.21
CA THR A 229 9.67 -7.03 -2.07
C THR A 229 8.18 -7.36 -2.00
N GLU A 231 4.65 -6.26 -0.10
CA GLU A 231 3.90 -5.31 0.73
C GLU A 231 2.50 -5.90 0.80
N LEU A 232 2.24 -6.69 1.84
CA LEU A 232 0.94 -7.33 1.97
C LEU A 232 0.01 -6.68 2.99
N GLY A 233 -1.03 -7.41 3.38
CA GLY A 233 -2.00 -6.89 4.32
C GLY A 233 -1.52 -6.74 5.75
N GLY A 234 -2.38 -6.16 6.57
CA GLY A 234 -2.05 -5.96 7.97
C GLY A 234 -3.30 -6.09 8.80
N ASN A 235 -3.12 -6.18 10.11
CA ASN A 235 -4.24 -6.27 11.05
C ASN A 235 -3.72 -5.47 12.23
N ASP A 236 -3.32 -4.25 11.91
CA ASP A 236 -2.73 -3.30 12.84
C ASP A 236 -3.39 -3.08 14.18
N ALA A 237 -2.55 -3.05 15.22
CA ALA A 237 -3.00 -2.81 16.57
C ALA A 237 -3.04 -1.30 16.81
N PHE A 238 -4.21 -0.80 17.14
CA PHE A 238 -4.41 0.61 17.44
C PHE A 238 -4.53 0.60 18.96
N ILE A 239 -3.44 0.87 19.66
CA ILE A 239 -3.43 0.83 21.12
C ILE A 239 -3.78 2.16 21.78
N VAL A 240 -4.83 2.12 22.60
CA VAL A 240 -5.28 3.31 23.31
C VAL A 240 -4.91 3.15 24.79
N LEU A 241 -3.92 3.91 25.23
CA LEU A 241 -3.48 3.85 26.62
C LEU A 241 -4.43 4.60 27.52
N ASP A 242 -4.39 4.29 28.81
CA ASP A 242 -5.27 4.93 29.78
C ASP A 242 -5.05 6.44 29.85
N ASP A 243 -3.89 6.92 29.42
CA ASP A 243 -3.61 8.35 29.45
C ASP A 243 -3.75 9.03 28.08
N ALA A 244 -4.51 8.41 27.19
CA ALA A 244 -4.71 8.98 25.87
C ALA A 244 -5.43 10.31 26.06
N ASP A 245 -5.01 11.33 25.33
CA ASP A 245 -5.68 12.61 25.43
C ASP A 245 -7.04 12.46 24.74
N PRO A 246 -8.13 12.79 25.42
CA PRO A 246 -9.48 12.68 24.85
C PRO A 246 -9.64 13.35 23.48
N GLN A 247 -9.04 14.51 23.30
CA GLN A 247 -9.14 15.24 22.03
C GLN A 247 -8.36 14.58 20.91
N VAL A 248 -7.13 14.15 21.21
CA VAL A 248 -6.31 13.48 20.22
C VAL A 248 -7.06 12.23 19.77
N LEU A 249 -7.46 11.43 20.75
CA LEU A 249 -8.19 10.20 20.49
C LEU A 249 -9.39 10.45 19.57
N ARG A 250 -10.20 11.43 19.92
CA ARG A 250 -11.37 11.76 19.11
C ARG A 250 -11.01 12.11 17.67
N ASN A 251 -10.04 13.01 17.51
CA ASN A 251 -9.60 13.43 16.18
C ASN A 251 -9.13 12.25 15.33
N VAL A 252 -8.34 11.37 15.94
CA VAL A 252 -7.81 10.22 15.23
C VAL A 252 -8.89 9.19 14.84
N LEU A 253 -9.80 8.90 15.75
CA LEU A 253 -10.85 7.92 15.47
C LEU A 253 -11.79 8.35 14.34
N ASN A 254 -11.70 9.61 13.93
CA ASN A 254 -12.57 10.08 12.86
C ASN A 254 -12.39 9.25 11.58
N ASP A 255 -11.17 8.79 11.30
CA ASP A 255 -10.95 7.99 10.09
C ASP A 255 -9.93 6.86 10.25
N ALA A 256 -9.56 6.56 11.49
CA ALA A 256 -8.58 5.51 11.76
C ALA A 256 -9.01 4.16 11.18
N ARG A 257 -10.31 3.94 11.10
CA ARG A 257 -10.84 2.69 10.58
C ARG A 257 -11.68 2.84 9.32
N THR A 258 -12.22 4.03 9.09
CA THR A 258 -13.09 4.28 7.94
C THR A 258 -12.47 4.93 6.70
N TYR A 259 -11.19 5.30 6.76
CA TYR A 259 -10.53 5.91 5.61
C TYR A 259 -10.58 4.88 4.48
N ASN A 260 -10.94 5.32 3.28
CA ASN A 260 -11.05 4.44 2.12
C ASN A 260 -11.96 3.24 2.43
N ASP A 261 -12.97 3.47 3.26
CA ASP A 261 -13.92 2.45 3.64
C ASP A 261 -13.26 1.28 4.38
N GLY A 262 -12.15 1.57 5.05
CA GLY A 262 -11.43 0.54 5.79
C GLY A 262 -10.60 -0.39 4.92
N GLN A 263 -10.60 -0.11 3.62
CA GLN A 263 -9.85 -0.92 2.67
C GLN A 263 -8.41 -0.43 2.61
N VAL A 264 -7.75 -0.44 3.77
CA VAL A 264 -6.37 0.01 3.88
C VAL A 264 -5.56 -1.03 4.65
N CYS A 265 -4.40 -1.41 4.11
CA CYS A 265 -3.57 -2.40 4.77
C CYS A 265 -3.15 -1.94 6.16
N THR A 266 -3.04 -0.62 6.31
CA THR A 266 -2.66 -0.04 7.59
C THR A 266 -3.86 0.57 8.30
N SER A 267 -5.07 0.09 7.97
CA SER A 267 -6.26 0.60 8.64
C SER A 267 -6.11 0.15 10.09
N SER A 268 -6.70 0.86 11.03
CA SER A 268 -6.59 0.49 12.45
C SER A 268 -7.64 -0.59 12.73
N LYS A 269 -7.33 -1.80 12.30
CA LYS A 269 -8.23 -2.94 12.42
C LYS A 269 -8.46 -3.54 13.80
N ARG A 270 -7.43 -3.58 14.64
CA ARG A 270 -7.59 -4.13 15.97
C ARG A 270 -7.39 -3.02 17.00
N ILE A 271 -8.50 -2.40 17.41
CA ILE A 271 -8.45 -1.32 18.38
C ILE A 271 -8.40 -1.91 19.78
N ILE A 272 -7.21 -1.85 20.38
CA ILE A 272 -6.94 -2.39 21.71
C ILE A 272 -6.96 -1.28 22.76
N VAL A 273 -8.00 -1.27 23.58
CA VAL A 273 -8.19 -0.22 24.58
C VAL A 273 -8.04 -0.66 26.03
N GLU A 274 -7.25 0.08 26.81
CA GLU A 274 -7.11 -0.26 28.22
C GLU A 274 -8.48 0.07 28.83
N LYS A 275 -8.95 -0.82 29.70
CA LYS A 275 -10.27 -0.73 30.32
C LYS A 275 -10.91 0.62 30.67
N SER A 276 -10.18 1.52 31.31
CA SER A 276 -10.76 2.81 31.69
C SER A 276 -11.24 3.66 30.51
N ARG A 277 -10.81 3.32 29.30
CA ARG A 277 -11.19 4.10 28.12
C ARG A 277 -12.01 3.29 27.11
N TYR A 278 -12.34 2.06 27.47
CA TYR A 278 -13.11 1.16 26.60
C TYR A 278 -14.46 1.75 26.18
N ASP A 279 -15.29 2.09 27.15
CA ASP A 279 -16.60 2.66 26.84
C ASP A 279 -16.48 3.95 26.04
N GLU A 280 -15.47 4.75 26.37
CA GLU A 280 -15.25 6.02 25.67
C GLU A 280 -14.97 5.78 24.17
N VAL A 281 -14.09 4.84 23.87
CA VAL A 281 -13.76 4.54 22.48
C VAL A 281 -14.98 4.01 21.73
N LEU A 282 -15.72 3.09 22.35
CA LEU A 282 -16.91 2.54 21.72
C LEU A 282 -17.88 3.66 21.38
N HIS A 283 -18.10 4.57 22.31
CA HIS A 283 -19.04 5.67 22.08
C HIS A 283 -18.59 6.56 20.91
N GLU A 284 -17.31 6.87 20.86
CA GLU A 284 -16.79 7.73 19.81
C GLU A 284 -16.90 7.06 18.44
N LEU A 285 -16.59 5.77 18.37
CA LEU A 285 -16.71 5.05 17.11
C LEU A 285 -18.15 5.06 16.63
N LYS A 286 -19.08 4.86 17.56
CA LYS A 286 -20.49 4.86 17.20
C LYS A 286 -20.88 6.24 16.69
N ASN A 287 -20.33 7.28 17.31
CA ASN A 287 -20.63 8.65 16.90
C ASN A 287 -20.10 8.85 15.48
N VAL A 288 -18.86 8.47 15.24
CA VAL A 288 -18.27 8.61 13.91
C VAL A 288 -19.04 7.84 12.84
N PHE A 289 -19.25 6.55 13.09
CA PHE A 289 -19.96 5.68 12.16
C PHE A 289 -21.40 6.12 11.87
N SER A 290 -22.14 6.44 12.93
CA SER A 290 -23.54 6.83 12.76
C SER A 290 -23.73 8.12 11.96
N ASN A 291 -22.72 8.99 11.97
CA ASN A 291 -22.82 10.25 11.24
C ASN A 291 -22.36 10.21 9.78
N LEU A 292 -21.93 9.03 9.32
CA LEU A 292 -21.50 8.92 7.93
C LEU A 292 -22.71 8.99 7.02
N LYS A 293 -22.50 9.41 5.78
CA LYS A 293 -23.57 9.54 4.81
C LYS A 293 -23.25 8.80 3.52
N ALA A 294 -24.04 7.78 3.21
CA ALA A 294 -23.83 6.99 2.01
C ALA A 294 -24.31 7.74 0.76
N GLY A 295 -23.68 7.46 -0.37
CA GLY A 295 -24.08 8.10 -1.60
C GLY A 295 -23.04 7.95 -2.70
N ASP A 296 -23.22 8.70 -3.78
CA ASP A 296 -22.31 8.68 -4.92
C ASP A 296 -20.94 9.17 -4.43
N PRO A 297 -19.90 8.34 -4.56
CA PRO A 297 -18.58 8.81 -4.09
C PRO A 297 -18.04 10.05 -4.84
N LEU A 298 -18.70 10.42 -5.94
CA LEU A 298 -18.31 11.58 -6.72
C LEU A 298 -18.90 12.87 -6.13
N GLU A 299 -19.91 12.71 -5.28
CA GLU A 299 -20.58 13.84 -4.65
C GLU A 299 -19.93 14.28 -3.34
N ALA A 300 -19.77 15.58 -3.19
CA ALA A 300 -19.13 16.18 -2.02
C ALA A 300 -19.72 15.82 -0.65
N ASP A 301 -21.04 15.62 -0.58
CA ASP A 301 -21.67 15.31 0.70
C ASP A 301 -21.56 13.84 1.12
N THR A 302 -21.11 12.99 0.20
CA THR A 302 -20.95 11.58 0.51
C THR A 302 -19.72 11.36 1.39
N THR A 303 -19.90 10.67 2.52
CA THR A 303 -18.80 10.38 3.42
C THR A 303 -18.64 8.87 3.64
N LEU A 304 -19.57 8.10 3.10
CA LEU A 304 -19.53 6.64 3.20
C LEU A 304 -19.65 6.09 1.78
N PRO A 305 -18.51 5.67 1.20
CA PRO A 305 -18.53 5.15 -0.17
C PRO A 305 -18.89 3.68 -0.18
N PRO A 306 -19.12 3.13 -1.38
CA PRO A 306 -19.45 1.70 -1.47
C PRO A 306 -18.09 0.98 -1.42
N ASN A 308 -15.16 -1.52 -2.93
CA ASN A 308 -14.65 -1.49 -4.31
C ASN A 308 -15.41 -2.37 -5.31
N SER A 309 -16.08 -3.41 -4.82
CA SER A 309 -16.83 -4.29 -5.72
C SER A 309 -17.89 -5.07 -4.98
N GLU A 310 -18.90 -5.53 -5.73
CA GLU A 310 -19.99 -6.30 -5.13
C GLU A 310 -19.40 -7.56 -4.53
N LYS A 311 -18.38 -8.11 -5.18
CA LYS A 311 -17.74 -9.33 -4.69
C LYS A 311 -17.07 -9.06 -3.34
N ALA A 312 -16.45 -7.89 -3.22
CA ALA A 312 -15.78 -7.51 -1.99
C ALA A 312 -16.81 -7.33 -0.88
N LYS A 313 -17.96 -6.75 -1.21
CA LYS A 313 -19.01 -6.55 -0.23
C LYS A 313 -19.49 -7.91 0.29
N GLU A 314 -19.73 -8.83 -0.63
CA GLU A 314 -20.20 -10.15 -0.25
C GLU A 314 -19.20 -10.91 0.62
N LYS A 315 -17.91 -10.81 0.30
CA LYS A 315 -16.90 -11.49 1.09
C LYS A 315 -16.89 -10.94 2.51
N LEU A 316 -17.07 -9.63 2.63
CA LEU A 316 -17.08 -8.99 3.94
C LEU A 316 -18.30 -9.44 4.75
N GLU A 317 -19.45 -9.52 4.09
CA GLU A 317 -20.66 -9.97 4.78
C GLU A 317 -20.43 -11.36 5.34
N ALA A 318 -19.74 -12.20 4.57
CA ALA A 318 -19.43 -13.56 4.97
C ALA A 318 -18.47 -13.61 6.15
N GLN A 319 -17.48 -12.72 6.15
CA GLN A 319 -16.51 -12.68 7.24
C GLN A 319 -17.18 -12.25 8.54
N VAL A 320 -17.98 -11.21 8.45
CA VAL A 320 -18.67 -10.69 9.62
C VAL A 320 -19.63 -11.72 10.19
N LYS A 321 -20.37 -12.38 9.31
CA LYS A 321 -21.31 -13.39 9.76
C LYS A 321 -20.56 -14.50 10.49
N GLU A 322 -19.45 -14.95 9.90
CA GLU A 322 -18.65 -16.00 10.52
C GLU A 322 -18.15 -15.53 11.88
N ALA A 323 -17.77 -14.26 11.96
CA ALA A 323 -17.26 -13.70 13.21
C ALA A 323 -18.36 -13.70 14.28
N ILE A 324 -19.54 -13.27 13.90
CA ILE A 324 -20.67 -13.22 14.82
C ILE A 324 -21.09 -14.63 15.23
N ASP A 325 -21.15 -15.54 14.27
CA ASP A 325 -21.54 -16.91 14.58
C ASP A 325 -20.54 -17.60 15.51
N ALA A 326 -19.33 -17.04 15.60
CA ALA A 326 -18.30 -17.60 16.46
C ALA A 326 -18.23 -16.90 17.81
N GLY A 327 -19.03 -15.84 17.99
CA GLY A 327 -19.02 -15.16 19.27
C GLY A 327 -18.82 -13.66 19.31
N ALA A 328 -18.50 -13.06 18.17
CA ALA A 328 -18.30 -11.61 18.10
C ALA A 328 -19.65 -10.95 18.31
N LYS A 329 -19.67 -9.85 19.05
CA LYS A 329 -20.93 -9.17 19.31
C LYS A 329 -21.02 -7.84 18.58
N VAL A 330 -22.24 -7.52 18.14
CA VAL A 330 -22.50 -6.29 17.39
C VAL A 330 -22.87 -5.15 18.32
N PHE A 331 -21.88 -4.31 18.64
CA PHE A 331 -22.12 -3.17 19.49
C PHE A 331 -22.93 -2.14 18.72
N TYR A 332 -22.72 -2.11 17.40
CA TYR A 332 -23.42 -1.16 16.55
C TYR A 332 -23.32 -1.53 15.07
N GLN A 333 -24.39 -1.22 14.33
CA GLN A 333 -24.40 -1.45 12.91
C GLN A 333 -25.17 -0.33 12.23
N TYR A 334 -24.54 0.29 11.23
CA TYR A 334 -25.13 1.37 10.47
C TYR A 334 -26.47 0.91 9.91
N PRO A 335 -27.42 1.84 9.70
CA PRO A 335 -28.73 1.48 9.17
C PRO A 335 -28.64 0.85 7.78
N GLU A 336 -29.71 0.18 7.35
CA GLU A 336 -29.71 -0.44 6.04
C GLU A 336 -29.55 0.66 5.00
N ILE A 337 -28.83 0.34 3.93
CA ILE A 337 -28.59 1.28 2.83
C ILE A 337 -29.31 0.77 1.58
N ASP A 338 -30.28 1.54 1.10
CA ASP A 338 -31.05 1.15 -0.07
C ASP A 338 -30.33 1.61 -1.33
N SER A 339 -29.62 0.69 -1.96
CA SER A 339 -28.88 1.01 -3.18
C SER A 339 -28.42 -0.25 -3.86
N LYS A 340 -28.31 -0.20 -5.19
CA LYS A 340 -27.86 -1.35 -5.95
C LYS A 340 -26.34 -1.38 -5.88
N GLY A 341 -25.77 -0.31 -5.31
CA GLY A 341 -24.33 -0.20 -5.17
C GLY A 341 -23.77 -1.17 -4.15
N ALA A 342 -22.45 -1.38 -4.20
CA ALA A 342 -21.77 -2.31 -3.30
C ALA A 342 -21.50 -1.73 -1.92
N PHE A 343 -22.53 -1.18 -1.29
CA PHE A 343 -22.38 -0.59 0.04
C PHE A 343 -22.41 -1.59 1.17
N PHE A 344 -21.47 -1.46 2.09
CA PHE A 344 -21.45 -2.30 3.27
C PHE A 344 -21.69 -1.38 4.45
N ARG A 345 -22.51 -1.82 5.40
CA ARG A 345 -22.85 -1.02 6.56
C ARG A 345 -21.76 -1.01 7.64
N PRO A 346 -21.24 0.19 7.98
CA PRO A 346 -20.20 0.27 9.01
C PRO A 346 -20.67 -0.46 10.26
N THR A 347 -19.79 -1.27 10.84
CA THR A 347 -20.13 -2.07 11.99
C THR A 347 -19.05 -2.05 13.05
N ILE A 348 -19.47 -2.11 14.31
CA ILE A 348 -18.55 -2.12 15.43
C ILE A 348 -18.72 -3.46 16.15
N LEU A 349 -17.64 -4.24 16.19
CA LEU A 349 -17.66 -5.56 16.83
C LEU A 349 -16.83 -5.57 18.10
N THR A 350 -17.28 -6.36 19.07
CA THR A 350 -16.57 -6.48 20.34
C THR A 350 -16.55 -7.96 20.75
N ASP A 351 -15.82 -8.25 21.82
CA ASP A 351 -15.72 -9.61 22.34
C ASP A 351 -15.26 -10.65 21.33
N ILE A 352 -14.22 -10.31 20.57
CA ILE A 352 -13.65 -11.22 19.59
C ILE A 352 -12.59 -12.03 20.34
N ALA A 353 -12.87 -13.32 20.55
CA ALA A 353 -11.95 -14.18 21.28
C ALA A 353 -10.79 -14.68 20.42
N LYS A 354 -9.76 -15.21 21.08
CA LYS A 354 -8.58 -15.73 20.39
C LYS A 354 -8.95 -16.85 19.42
N ASP A 355 -9.98 -17.61 19.75
CA ASP A 355 -10.40 -18.72 18.90
C ASP A 355 -11.42 -18.32 17.84
N ASN A 356 -11.73 -17.03 17.73
CA ASN A 356 -12.67 -16.59 16.71
C ASN A 356 -11.92 -16.59 15.39
N PRO A 357 -12.55 -17.12 14.33
CA PRO A 357 -11.93 -17.18 13.00
C PRO A 357 -11.46 -15.83 12.48
N VAL A 358 -12.05 -14.76 12.97
CA VAL A 358 -11.68 -13.42 12.52
C VAL A 358 -10.56 -12.79 13.35
N PHE A 359 -10.24 -13.39 14.48
CA PHE A 359 -9.21 -12.86 15.38
C PHE A 359 -7.88 -12.55 14.71
N ASP A 360 -7.43 -13.45 13.84
CA ASP A 360 -6.16 -13.27 13.16
C ASP A 360 -6.36 -13.26 11.65
N LYS A 361 -7.41 -12.58 11.21
CA LYS A 361 -7.75 -12.46 9.80
C LYS A 361 -7.95 -10.99 9.47
N GLU A 362 -7.33 -10.54 8.38
CA GLU A 362 -7.47 -9.15 7.98
C GLU A 362 -8.87 -8.92 7.40
N VAL A 363 -9.56 -7.93 7.94
CA VAL A 363 -10.90 -7.60 7.48
C VAL A 363 -10.89 -6.26 6.76
N PHE A 364 -10.94 -6.31 5.44
CA PHE A 364 -10.96 -5.11 4.61
C PHE A 364 -12.40 -4.59 4.55
N GLY A 365 -12.64 -3.46 5.21
CA GLY A 365 -13.98 -2.89 5.22
C GLY A 365 -14.19 -2.03 6.44
N PRO A 366 -15.33 -1.34 6.54
CA PRO A 366 -15.63 -0.47 7.69
C PRO A 366 -16.09 -1.26 8.91
N ILE A 367 -15.20 -2.09 9.43
CA ILE A 367 -15.52 -2.91 10.59
C ILE A 367 -14.58 -2.68 11.77
N ALA A 368 -15.03 -1.89 12.74
CA ALA A 368 -14.22 -1.63 13.91
C ALA A 368 -14.23 -2.88 14.77
N GLU A 369 -13.05 -3.30 15.23
CA GLU A 369 -12.91 -4.46 16.08
C GLU A 369 -12.28 -3.95 17.37
N VAL A 370 -13.07 -3.90 18.44
CA VAL A 370 -12.59 -3.37 19.70
C VAL A 370 -12.33 -4.42 20.77
N PHE A 371 -11.15 -4.32 21.37
CA PHE A 371 -10.71 -5.25 22.42
C PHE A 371 -10.43 -4.47 23.69
N VAL A 372 -10.64 -5.09 24.84
CA VAL A 372 -10.38 -4.44 26.11
C VAL A 372 -9.25 -5.20 26.83
N VAL A 373 -8.29 -4.46 27.37
CA VAL A 373 -7.15 -5.04 28.08
C VAL A 373 -6.92 -4.33 29.40
N GLU A 374 -6.23 -5.00 30.32
CA GLU A 374 -5.96 -4.45 31.66
C GLU A 374 -4.84 -3.42 31.75
N ASP A 375 -3.72 -3.67 31.08
CA ASP A 375 -2.59 -2.77 31.17
C ASP A 375 -1.70 -2.80 29.93
N ASP A 376 -0.62 -2.03 29.98
CA ASP A 376 0.32 -1.93 28.86
C ASP A 376 0.85 -3.27 28.38
N ASN A 377 1.27 -4.13 29.32
CA ASN A 377 1.79 -5.44 28.94
C ASN A 377 0.74 -6.26 28.19
N ALA A 378 -0.50 -6.20 28.64
CA ALA A 378 -1.58 -6.95 27.99
C ALA A 378 -1.87 -6.38 26.61
N ALA A 379 -1.71 -5.07 26.46
CA ALA A 379 -1.95 -4.42 25.18
C ALA A 379 -0.91 -4.91 24.18
N ILE A 380 0.34 -4.91 24.61
CA ILE A 380 1.45 -5.34 23.76
C ILE A 380 1.31 -6.82 23.42
N GLN A 381 0.96 -7.62 24.41
CA GLN A 381 0.79 -9.06 24.21
C GLN A 381 -0.28 -9.34 23.17
N LEU A 382 -1.40 -8.63 23.26
CA LEU A 382 -2.49 -8.82 22.30
C LEU A 382 -2.08 -8.29 20.94
N ALA A 383 -1.39 -7.15 20.93
CA ALA A 383 -0.95 -6.55 19.68
C ALA A 383 -0.05 -7.52 18.92
N ASN A 384 0.81 -8.23 19.66
CA ASN A 384 1.72 -9.17 19.02
C ASN A 384 1.15 -10.57 18.81
N ASP A 385 -0.05 -10.82 19.31
CA ASP A 385 -0.69 -12.12 19.11
C ASP A 385 -1.33 -12.00 17.73
N SER A 386 -0.48 -11.88 16.72
CA SER A 386 -0.91 -11.69 15.35
C SER A 386 0.04 -12.32 14.34
N SER A 387 -0.49 -12.76 13.21
CA SER A 387 0.33 -13.34 12.15
C SER A 387 0.82 -12.20 11.27
N TYR A 388 0.30 -11.00 11.52
CA TYR A 388 0.65 -9.81 10.74
C TYR A 388 1.55 -8.86 11.52
N GLY A 389 2.03 -7.83 10.83
CA GLY A 389 2.88 -6.84 11.48
C GLY A 389 3.25 -5.72 10.52
N LEU A 390 2.26 -5.01 10.02
CA LEU A 390 2.52 -3.91 9.09
C LEU A 390 2.69 -2.58 9.82
N GLY A 391 1.58 -2.02 10.29
CA GLY A 391 1.64 -0.76 11.01
C GLY A 391 1.08 -0.89 12.41
N SER A 392 0.82 0.26 13.05
CA SER A 392 0.27 0.29 14.40
C SER A 392 0.16 1.73 14.88
N SER A 393 -0.52 1.92 16.01
CA SER A 393 -0.68 3.23 16.60
C SER A 393 -0.70 3.09 18.11
N VAL A 394 -0.20 4.10 18.80
CA VAL A 394 -0.23 4.12 20.25
C VAL A 394 -0.70 5.51 20.63
N ILE A 395 -1.83 5.58 21.31
CA ILE A 395 -2.39 6.86 21.72
C ILE A 395 -2.19 7.01 23.23
N GLY A 396 -1.42 8.02 23.62
CA GLY A 396 -1.14 8.28 25.02
C GLY A 396 -0.48 9.63 25.17
N SER A 397 -0.78 10.36 26.24
CA SER A 397 -0.19 11.68 26.42
C SER A 397 1.26 11.62 26.86
N ASP A 398 1.61 10.60 27.64
CA ASP A 398 2.99 10.43 28.10
C ASP A 398 3.83 9.86 26.95
N ILE A 399 4.52 10.73 26.22
CA ILE A 399 5.33 10.33 25.07
C ILE A 399 6.40 9.28 25.38
N ASP A 400 7.09 9.43 26.50
CA ASP A 400 8.12 8.45 26.87
C ASP A 400 7.49 7.08 26.99
N ARG A 401 6.32 7.04 27.62
CA ARG A 401 5.60 5.79 27.81
C ARG A 401 5.19 5.24 26.44
N ALA A 402 4.65 6.11 25.60
CA ALA A 402 4.22 5.72 24.26
C ALA A 402 5.37 5.15 23.43
N LYS A 403 6.55 5.77 23.53
CA LYS A 403 7.71 5.31 22.78
C LYS A 403 8.14 3.93 23.25
N LYS A 404 8.07 3.71 24.56
CA LYS A 404 8.45 2.43 25.15
C LYS A 404 7.51 1.32 24.70
N VAL A 405 6.22 1.62 24.66
CA VAL A 405 5.22 0.65 24.23
C VAL A 405 5.41 0.37 22.74
N SER A 406 5.59 1.44 21.97
CA SER A 406 5.77 1.34 20.53
C SER A 406 6.91 0.37 20.17
N ALA A 407 8.03 0.50 20.88
CA ALA A 407 9.18 -0.34 20.63
C ALA A 407 8.91 -1.85 20.80
N GLN A 408 8.00 -2.18 21.71
CA GLN A 408 7.66 -3.58 21.98
C GLN A 408 6.70 -4.22 21.01
N ILE A 409 6.08 -3.42 20.15
CA ILE A 409 5.15 -3.96 19.17
C ILE A 409 5.92 -4.57 18.01
N GLU A 410 5.61 -5.83 17.69
CA GLU A 410 6.26 -6.50 16.58
C GLU A 410 5.54 -6.08 15.31
N THR A 411 6.02 -5.00 14.70
CA THR A 411 5.41 -4.48 13.49
C THR A 411 6.41 -3.58 12.79
N GLY A 412 6.14 -3.25 11.53
CA GLY A 412 7.06 -2.42 10.76
C GLY A 412 7.02 -0.92 11.03
N THR A 414 5.00 2.34 13.61
CA THR A 414 4.10 2.73 14.70
C THR A 414 3.99 4.24 14.73
N VAL A 415 2.74 4.71 14.74
CA VAL A 415 2.47 6.13 14.78
C VAL A 415 1.98 6.47 16.19
N ILE A 416 2.62 7.44 16.83
CA ILE A 416 2.22 7.84 18.16
C ILE A 416 1.25 9.01 18.02
N ASN A 417 0.07 8.84 18.60
CA ASN A 417 -1.00 9.83 18.57
C ASN A 417 -1.47 10.22 17.16
N GLY A 418 -1.66 9.20 16.33
CA GLY A 418 -2.12 9.40 14.97
C GLY A 418 -2.37 8.06 14.32
N ARG A 419 -3.09 8.03 13.21
CA ARG A 419 -3.33 6.76 12.52
C ARG A 419 -2.30 6.61 11.39
N TRP A 420 -2.45 5.60 10.56
CA TRP A 420 -1.45 5.35 9.51
C TRP A 420 -1.03 6.60 8.74
N ILE A 421 0.24 6.60 8.33
CA ILE A 421 0.81 7.72 7.60
C ILE A 421 1.82 7.23 6.57
N THR A 422 2.00 8.01 5.52
CA THR A 422 2.96 7.65 4.49
C THR A 422 3.49 8.91 3.83
N SER A 423 4.76 8.89 3.44
CA SER A 423 5.38 10.01 2.78
C SER A 423 6.67 9.55 2.13
N GLY A 424 7.15 10.31 1.15
CA GLY A 424 8.36 9.93 0.45
C GLY A 424 9.59 9.67 1.31
N GLU A 425 9.70 10.38 2.42
CA GLU A 425 10.86 10.22 3.30
C GLU A 425 10.70 9.13 4.36
N LEU A 426 9.50 8.56 4.47
CA LEU A 426 9.23 7.53 5.47
C LEU A 426 9.16 6.12 4.89
N PRO A 427 9.85 5.17 5.53
CA PRO A 427 9.85 3.78 5.07
C PRO A 427 8.50 3.12 5.34
N PHE A 428 8.04 2.31 4.40
CA PHE A 428 6.76 1.64 4.52
C PHE A 428 6.97 0.14 4.26
N GLY A 429 6.58 -0.68 5.23
CA GLY A 429 6.74 -2.11 5.09
C GLY A 429 6.47 -2.80 6.41
N GLY A 430 6.39 -4.13 6.39
CA GLY A 430 6.11 -4.84 7.62
C GLY A 430 6.95 -6.08 7.84
N ILE A 431 6.43 -6.95 8.68
CA ILE A 431 7.11 -8.20 9.02
C ILE A 431 6.07 -9.31 8.98
N LYS A 432 6.51 -10.53 9.29
CA LYS A 432 5.61 -11.68 9.30
C LYS A 432 4.79 -11.80 8.01
N LYS A 433 3.49 -12.06 8.15
CA LYS A 433 2.61 -12.21 6.98
C LYS A 433 2.37 -10.91 6.23
N SER A 434 2.81 -9.79 6.80
CA SER A 434 2.62 -8.50 6.14
C SER A 434 3.68 -8.31 5.05
N GLY A 435 4.63 -9.24 4.97
CA GLY A 435 5.66 -9.15 3.95
C GLY A 435 7.08 -8.86 4.40
N TYR A 436 7.87 -8.34 3.46
CA TYR A 436 9.26 -8.00 3.72
C TYR A 436 9.74 -6.96 2.73
N GLY A 437 10.84 -6.29 3.06
CA GLY A 437 11.35 -5.25 2.21
C GLY A 437 10.64 -3.97 2.59
N ARG A 438 11.15 -2.83 2.14
CA ARG A 438 10.53 -1.56 2.45
C ARG A 438 10.42 -0.69 1.22
N GLU A 439 9.33 0.05 1.10
CA GLU A 439 9.15 0.94 -0.03
C GLU A 439 9.19 2.35 0.51
N LEU A 440 9.57 3.30 -0.33
CA LEU A 440 9.71 4.70 0.05
C LEU A 440 10.95 4.91 0.91
N SER A 441 11.31 6.17 1.11
CA SER A 441 12.51 6.56 1.88
C SER A 441 13.75 6.01 1.16
N GLY A 442 14.90 6.06 1.83
CA GLY A 442 16.12 5.55 1.24
C GLY A 442 16.13 4.04 1.11
N LEU A 443 15.39 3.37 1.98
CA LEU A 443 15.30 1.91 1.95
C LEU A 443 14.63 1.41 0.66
N GLY A 444 13.49 2.00 0.34
CA GLY A 444 12.78 1.60 -0.87
C GLY A 444 13.59 1.93 -2.11
N LEU A 445 14.33 3.02 -2.05
CA LEU A 445 15.15 3.44 -3.18
C LEU A 445 16.20 2.36 -3.51
N ALA A 447 15.86 -0.93 -2.85
CA ALA A 447 15.24 -2.24 -3.01
C ALA A 447 15.80 -3.06 -4.18
N PHE A 448 15.91 -2.45 -5.35
CA PHE A 448 16.43 -3.13 -6.53
C PHE A 448 17.69 -2.50 -7.06
N VAL A 449 18.55 -2.09 -6.12
CA VAL A 449 19.81 -1.48 -6.47
C VAL A 449 20.93 -2.48 -6.27
N ASN A 450 21.90 -2.44 -7.17
CA ASN A 450 23.06 -3.30 -7.09
C ASN A 450 24.13 -2.49 -6.38
N GLU A 451 24.42 -2.87 -5.14
CA GLU A 451 25.46 -2.18 -4.39
C GLU A 451 26.73 -2.89 -4.85
N HIS A 452 27.36 -2.28 -5.84
CA HIS A 452 28.56 -2.79 -6.49
C HIS A 452 29.84 -2.33 -5.80
N LEU A 453 30.44 -3.26 -5.06
CA LEU A 453 31.68 -3.01 -4.34
C LEU A 453 32.86 -2.92 -5.30
N VAL A 454 33.67 -1.88 -5.15
CA VAL A 454 34.86 -1.72 -5.97
C VAL A 454 35.98 -1.46 -4.97
N ILE A 455 37.03 -2.29 -5.00
CA ILE A 455 38.15 -2.10 -4.10
C ILE A 455 39.48 -2.24 -4.84
N ASP A 456 40.33 -1.23 -4.68
CA ASP A 456 41.64 -1.19 -5.31
C ASP A 456 42.64 -1.72 -4.27
N VAL A 457 43.19 -2.91 -4.54
CA VAL A 457 44.14 -3.54 -3.63
C VAL A 457 45.56 -3.61 -4.20
N THR A 458 45.87 -2.73 -5.13
CA THR A 458 47.18 -2.71 -5.79
C THR A 458 48.33 -2.81 -4.80
N LYS A 459 48.19 -2.12 -3.68
CA LYS A 459 49.22 -2.10 -2.65
C LYS A 459 49.68 -3.45 -2.13
N ASN A 460 48.75 -4.39 -1.99
CA ASN A 460 49.10 -5.70 -1.45
C ASN A 460 49.49 -6.75 -2.47
N ASN A 461 49.48 -6.38 -3.76
CA ASN A 461 49.83 -7.34 -4.81
C ASN A 461 50.98 -6.83 -5.70
#